data_3RLO
#
_entry.id   3RLO
#
_cell.length_a   128.562
_cell.length_b   128.562
_cell.length_c   67.743
_cell.angle_alpha   90.00
_cell.angle_beta   90.00
_cell.angle_gamma   120.00
#
_symmetry.space_group_name_H-M   'H 3 2'
#
loop_
_entity.id
_entity.type
_entity.pdbx_description
1 polymer 'Gamma-interferon-inducible protein 16'
2 non-polymer 1,2-ETHANEDIOL
3 non-polymer 'FORMIC ACID'
4 water water
#
_entity_poly.entity_id   1
_entity_poly.type   'polypeptide(L)'
_entity_poly.pdbx_seq_one_letter_code
;GSVDDSAQSDLKEVMVLNATESFVYEPKEQKKMFHATVATENEVFRVKVFNIDLKEKFTPKKIIAIANYVCRNGFLEVYP
FTLVADVNADRNMEIPKGLIRSASVTPKINQLCSQTKGSFVNGVFEVHKKNVRGEFTYYEIQDNTGKMEVVVHGRLTTIN
CEEGDKLKLTCFELAPKSGNTGELRSVIHSHIKVIKTRKNAAAS
;
_entity_poly.pdbx_strand_id   A
#
loop_
_chem_comp.id
_chem_comp.type
_chem_comp.name
_chem_comp.formula
EDO non-polymer 1,2-ETHANEDIOL 'C2 H6 O2'
FMT non-polymer 'FORMIC ACID' 'C H2 O2'
#
# COMPACT_ATOMS: atom_id res chain seq x y z
N SER A 9 -15.82 13.93 -2.93
CA SER A 9 -14.62 14.56 -2.39
C SER A 9 -14.96 15.51 -1.25
N ASP A 10 -16.13 15.31 -0.65
CA ASP A 10 -16.58 16.15 0.45
C ASP A 10 -15.82 15.83 1.75
N LEU A 11 -16.11 16.56 2.81
CA LEU A 11 -15.48 16.28 4.10
C LEU A 11 -15.82 14.84 4.52
N LYS A 12 -14.82 14.10 5.00
CA LYS A 12 -15.04 12.75 5.49
C LYS A 12 -14.61 12.63 6.94
N GLU A 13 -15.44 12.01 7.77
CA GLU A 13 -15.00 11.62 9.11
C GLU A 13 -14.62 10.15 9.07
N VAL A 14 -13.38 9.85 9.41
CA VAL A 14 -12.89 8.49 9.26
C VAL A 14 -12.12 8.03 10.46
N MET A 15 -12.14 6.72 10.71
CA MET A 15 -11.22 6.12 11.66
C MET A 15 -9.93 5.71 10.97
N VAL A 16 -8.80 6.03 11.58
CA VAL A 16 -7.54 5.56 11.03
C VAL A 16 -7.35 4.07 11.41
N LEU A 17 -7.04 3.27 10.41
CA LEU A 17 -6.85 1.82 10.55
C LEU A 17 -5.36 1.53 10.69
N ASN A 18 -4.60 1.94 9.68
CA ASN A 18 -3.16 1.74 9.73
C ASN A 18 -2.42 2.84 8.99
N ALA A 19 -1.11 2.94 9.24
CA ALA A 19 -0.28 3.89 8.52
C ALA A 19 1.14 3.37 8.42
N THR A 20 1.81 3.62 7.31
CA THR A 20 3.20 3.21 7.24
C THR A 20 4.06 4.25 7.97
N GLU A 21 5.34 3.97 8.09
CA GLU A 21 6.28 5.01 8.47
C GLU A 21 6.36 6.02 7.32
N SER A 22 6.82 7.23 7.59
CA SER A 22 7.14 8.17 6.53
C SER A 22 8.38 7.63 5.83
N PHE A 23 8.46 7.81 4.52
CA PHE A 23 9.60 7.34 3.76
C PHE A 23 9.84 8.28 2.58
N VAL A 24 11.06 8.26 2.04
CA VAL A 24 11.37 9.10 0.90
C VAL A 24 10.94 8.37 -0.35
N TYR A 25 9.99 8.94 -1.09
CA TYR A 25 9.57 8.32 -2.33
C TYR A 25 10.27 8.87 -3.57
N GLU A 26 10.93 10.01 -3.41
CA GLU A 26 11.66 10.69 -4.50
C GLU A 26 13.01 11.15 -3.99
N PRO A 27 14.05 10.34 -4.21
CA PRO A 27 15.35 10.53 -3.58
C PRO A 27 16.06 11.84 -3.96
N LYS A 28 15.87 12.37 -5.15
CA LYS A 28 16.69 13.52 -5.54
C LYS A 28 16.36 14.76 -4.72
N GLU A 29 15.07 15.03 -4.57
CA GLU A 29 14.62 16.12 -3.71
C GLU A 29 14.22 15.64 -2.31
N GLN A 30 14.39 14.35 -2.05
CA GLN A 30 14.03 13.79 -0.75
C GLN A 30 12.58 14.08 -0.38
N LYS A 31 11.69 13.88 -1.33
CA LYS A 31 10.27 14.07 -1.07
C LYS A 31 9.76 12.90 -0.26
N LYS A 32 8.97 13.16 0.76
CA LYS A 32 8.52 12.13 1.68
C LYS A 32 7.01 12.00 1.73
N MET A 33 6.56 10.81 2.10
CA MET A 33 5.14 10.60 2.34
C MET A 33 4.96 9.45 3.28
N PHE A 34 3.70 9.21 3.66
CA PHE A 34 3.35 7.92 4.23
C PHE A 34 2.02 7.51 3.66
N HIS A 35 1.77 6.21 3.66
CA HIS A 35 0.47 5.68 3.27
C HIS A 35 -0.36 5.42 4.53
N ALA A 36 -1.67 5.61 4.42
CA ALA A 36 -2.55 5.26 5.51
C ALA A 36 -3.81 4.65 4.92
N THR A 37 -4.50 3.87 5.74
CA THR A 37 -5.79 3.33 5.37
C THR A 37 -6.76 3.86 6.42
N VAL A 38 -7.88 4.38 5.97
CA VAL A 38 -8.88 4.91 6.89
C VAL A 38 -10.24 4.39 6.49
N ALA A 39 -11.21 4.52 7.40
CA ALA A 39 -12.54 4.00 7.13
C ALA A 39 -13.61 4.86 7.73
N THR A 40 -14.69 5.03 6.98
CA THR A 40 -15.96 5.45 7.54
C THR A 40 -16.64 4.18 8.00
N GLU A 41 -17.89 4.27 8.42
CA GLU A 41 -18.59 3.05 8.78
C GLU A 41 -18.96 2.22 7.54
N ASN A 42 -19.08 2.88 6.39
CA ASN A 42 -19.34 2.19 5.11
C ASN A 42 -18.23 1.87 4.11
N GLU A 43 -17.05 2.48 4.24
CA GLU A 43 -16.09 2.39 3.18
C GLU A 43 -14.68 2.57 3.68
N VAL A 44 -13.74 1.88 3.03
CA VAL A 44 -12.32 2.01 3.34
C VAL A 44 -11.66 2.84 2.26
N PHE A 45 -10.77 3.74 2.66
CA PHE A 45 -10.07 4.60 1.73
C PHE A 45 -8.59 4.47 1.93
N ARG A 46 -7.85 4.42 0.82
CA ARG A 46 -6.40 4.42 0.86
C ARG A 46 -5.94 5.84 0.73
N VAL A 47 -5.03 6.24 1.59
CA VAL A 47 -4.66 7.64 1.69
C VAL A 47 -3.16 7.75 1.44
N LYS A 48 -2.77 8.71 0.62
CA LYS A 48 -1.38 9.08 0.50
C LYS A 48 -1.24 10.40 1.20
N VAL A 49 -0.32 10.47 2.17
CA VAL A 49 -0.15 11.70 2.92
C VAL A 49 1.20 12.32 2.60
N PHE A 50 1.15 13.51 2.00
CA PHE A 50 2.33 14.23 1.58
C PHE A 50 2.79 15.31 2.56
N ASN A 51 2.04 15.50 3.63
CA ASN A 51 2.54 16.32 4.73
C ASN A 51 2.87 15.37 5.87
N ILE A 52 4.17 15.14 6.06
CA ILE A 52 4.67 14.12 6.98
C ILE A 52 4.40 14.49 8.42
N ASP A 53 4.18 15.78 8.65
CA ASP A 53 3.85 16.27 9.99
C ASP A 53 2.49 15.76 10.49
N LEU A 54 1.71 15.15 9.60
CA LEU A 54 0.42 14.60 9.99
C LEU A 54 0.52 13.18 10.55
N LYS A 55 1.73 12.65 10.63
CA LYS A 55 1.90 11.29 11.13
C LYS A 55 1.12 11.06 12.44
N GLU A 56 1.21 12.00 13.37
CA GLU A 56 0.52 11.83 14.64
C GLU A 56 -1.00 11.77 14.50
N LYS A 57 -1.57 12.55 13.59
CA LYS A 57 -3.01 12.57 13.37
C LYS A 57 -3.48 11.24 12.85
N PHE A 58 -2.56 10.58 12.14
CA PHE A 58 -2.76 9.30 11.44
C PHE A 58 -2.50 8.06 12.32
N THR A 59 -2.53 8.27 13.62
CA THR A 59 -2.56 7.16 14.58
C THR A 59 -3.81 6.24 14.48
N PRO A 60 -3.60 4.92 14.35
CA PRO A 60 -4.70 3.97 14.29
C PRO A 60 -5.70 4.12 15.45
N LYS A 61 -6.98 3.99 15.11
CA LYS A 61 -8.10 4.12 16.02
C LYS A 61 -8.50 5.56 16.32
N LYS A 62 -7.68 6.51 15.91
CA LYS A 62 -8.07 7.91 16.00
C LYS A 62 -9.09 8.22 14.92
N ILE A 63 -10.05 9.07 15.25
CA ILE A 63 -11.02 9.54 14.26
C ILE A 63 -10.65 10.95 13.84
N ILE A 64 -10.65 11.19 12.53
CA ILE A 64 -10.25 12.48 12.00
C ILE A 64 -11.22 12.93 10.92
N ALA A 65 -11.29 14.23 10.71
CA ALA A 65 -12.09 14.78 9.63
C ALA A 65 -11.11 15.24 8.58
N ILE A 66 -11.35 14.83 7.34
CA ILE A 66 -10.47 15.20 6.22
CA ILE A 66 -10.47 15.23 6.24
C ILE A 66 -11.30 15.88 5.14
N ALA A 67 -10.80 17.00 4.63
CA ALA A 67 -11.50 17.73 3.58
C ALA A 67 -10.45 18.47 2.73
N ASN A 68 -10.83 18.85 1.52
CA ASN A 68 -9.87 19.48 0.62
C ASN A 68 -8.66 18.61 0.39
N TYR A 69 -8.90 17.31 0.28
CA TYR A 69 -7.89 16.37 -0.18
C TYR A 69 -8.07 16.26 -1.71
N VAL A 70 -7.20 15.52 -2.36
CA VAL A 70 -7.28 15.33 -3.80
C VAL A 70 -7.53 13.86 -4.06
N CYS A 71 -8.48 13.54 -4.94
CA CYS A 71 -8.71 12.16 -5.32
C CYS A 71 -7.93 11.86 -6.58
N ARG A 72 -6.98 10.95 -6.50
CA ARG A 72 -6.21 10.62 -7.67
C ARG A 72 -5.91 9.13 -7.69
N ASN A 73 -6.18 8.47 -8.81
CA ASN A 73 -5.84 7.06 -8.92
C ASN A 73 -6.42 6.18 -7.82
N GLY A 74 -7.57 6.57 -7.29
CA GLY A 74 -8.25 5.76 -6.29
C GLY A 74 -7.71 5.97 -4.89
N PHE A 75 -6.85 6.97 -4.73
CA PHE A 75 -6.32 7.32 -3.42
C PHE A 75 -6.81 8.71 -3.03
N LEU A 76 -6.91 8.96 -1.74
CA LEU A 76 -7.14 10.31 -1.27
C LEU A 76 -5.75 10.85 -0.97
N GLU A 77 -5.38 11.97 -1.59
CA GLU A 77 -4.05 12.52 -1.40
C GLU A 77 -4.18 13.70 -0.50
N VAL A 78 -3.35 13.73 0.53
CA VAL A 78 -3.42 14.75 1.55
C VAL A 78 -2.17 15.63 1.46
N TYR A 79 -2.41 16.92 1.29
CA TYR A 79 -1.33 17.89 1.14
C TYR A 79 -1.38 18.89 2.27
N PRO A 80 -0.41 19.80 2.31
CA PRO A 80 -0.41 20.83 3.35
C PRO A 80 -1.68 21.66 3.36
N PHE A 81 -2.35 21.80 2.22
CA PHE A 81 -3.57 22.62 2.17
C PHE A 81 -4.81 21.84 2.59
N THR A 82 -4.64 20.54 2.81
CA THR A 82 -5.75 19.69 3.17
C THR A 82 -6.12 19.87 4.63
N LEU A 83 -7.42 19.87 4.91
CA LEU A 83 -7.89 19.91 6.29
C LEU A 83 -7.81 18.51 6.91
N VAL A 84 -7.10 18.38 8.03
CA VAL A 84 -7.15 17.15 8.80
C VAL A 84 -7.35 17.54 10.25
N ALA A 85 -8.50 17.19 10.80
CA ALA A 85 -8.84 17.67 12.13
C ALA A 85 -9.22 16.53 13.06
N ASP A 86 -8.82 16.64 14.32
CA ASP A 86 -9.22 15.68 15.32
C ASP A 86 -10.73 15.74 15.49
N VAL A 87 -11.36 14.58 15.53
CA VAL A 87 -12.79 14.49 15.82
C VAL A 87 -12.91 13.99 17.25
N ASN A 88 -13.92 14.46 17.96
CA ASN A 88 -14.04 14.25 19.40
C ASN A 88 -14.36 12.81 19.81
N ALA A 89 -14.53 12.60 21.11
CA ALA A 89 -14.90 11.31 21.65
C ALA A 89 -16.41 11.07 21.55
N ASP A 90 -17.14 12.13 21.21
CA ASP A 90 -18.61 12.06 21.08
C ASP A 90 -19.01 11.12 19.96
N ARG A 91 -18.33 11.26 18.82
CA ARG A 91 -18.66 10.49 17.62
C ARG A 91 -18.82 9.01 17.91
N ASN A 92 -17.71 8.36 18.29
CA ASN A 92 -17.74 6.94 18.62
C ASN A 92 -18.25 6.10 17.45
N MET A 93 -17.43 6.00 16.39
CA MET A 93 -17.78 5.21 15.22
C MET A 93 -17.66 3.73 15.49
N GLU A 94 -18.57 2.94 14.95
CA GLU A 94 -18.38 1.50 14.93
C GLU A 94 -18.05 1.09 13.50
N ILE A 95 -16.80 0.72 13.25
CA ILE A 95 -16.42 0.24 11.93
C ILE A 95 -16.63 -1.26 11.93
N PRO A 96 -17.55 -1.76 11.08
CA PRO A 96 -17.78 -3.20 11.05
C PRO A 96 -16.49 -3.98 10.87
N LYS A 97 -16.32 -5.03 11.68
CA LYS A 97 -15.12 -5.86 11.58
C LYS A 97 -14.92 -6.37 10.17
N GLY A 98 -16.00 -6.74 9.49
CA GLY A 98 -15.87 -7.23 8.12
C GLY A 98 -15.27 -6.19 7.18
N LEU A 99 -15.65 -4.94 7.40
CA LEU A 99 -15.10 -3.85 6.60
C LEU A 99 -13.60 -3.72 6.86
N ILE A 100 -13.22 -3.70 8.13
CA ILE A 100 -11.82 -3.60 8.50
C ILE A 100 -11.02 -4.75 7.91
N ARG A 101 -11.60 -5.94 7.91
CA ARG A 101 -10.93 -7.09 7.32
C ARG A 101 -10.80 -6.92 5.82
N SER A 102 -11.82 -6.36 5.19
CA SER A 102 -11.77 -6.07 3.75
C SER A 102 -10.60 -5.15 3.39
N ALA A 103 -10.17 -4.33 4.36
CA ALA A 103 -9.01 -3.47 4.13
C ALA A 103 -7.74 -4.28 3.88
N SER A 104 -7.63 -5.42 4.54
CA SER A 104 -6.42 -6.23 4.51
C SER A 104 -6.39 -7.41 3.52
N VAL A 105 -7.47 -7.62 2.78
CA VAL A 105 -7.53 -8.78 1.89
C VAL A 105 -6.59 -8.62 0.71
N THR A 106 -5.77 -9.62 0.45
CA THR A 106 -4.84 -9.59 -0.67
C THR A 106 -5.52 -10.15 -1.89
N PRO A 107 -5.47 -9.41 -3.01
CA PRO A 107 -6.07 -9.93 -4.25
C PRO A 107 -5.41 -11.23 -4.75
N LYS A 108 -6.17 -12.02 -5.49
CA LYS A 108 -5.64 -13.28 -6.02
C LYS A 108 -4.84 -13.07 -7.29
N ILE A 109 -3.71 -13.76 -7.37
CA ILE A 109 -2.80 -13.61 -8.51
C ILE A 109 -3.46 -13.96 -9.85
N ASN A 110 -4.25 -15.02 -9.88
CA ASN A 110 -4.92 -15.38 -11.12
C ASN A 110 -5.83 -14.27 -11.65
N GLN A 111 -6.46 -13.53 -10.74
CA GLN A 111 -7.28 -12.40 -11.15
C GLN A 111 -6.41 -11.22 -11.54
N LEU A 112 -5.38 -10.95 -10.74
CA LEU A 112 -4.46 -9.88 -11.05
C LEU A 112 -3.82 -10.01 -12.43
N CYS A 113 -3.18 -11.16 -12.69
CA CYS A 113 -2.33 -11.23 -13.87
C CYS A 113 -3.18 -11.31 -15.15
N SER A 114 -4.47 -11.61 -14.98
CA SER A 114 -5.43 -11.64 -16.07
C SER A 114 -6.23 -10.34 -16.24
N GLN A 115 -5.93 -9.33 -15.43
CA GLN A 115 -6.62 -8.04 -15.55
C GLN A 115 -6.39 -7.44 -16.94
N THR A 116 -7.45 -6.89 -17.53
CA THR A 116 -7.31 -6.27 -18.84
C THR A 116 -7.04 -4.76 -18.73
N LYS A 117 -7.18 -4.24 -17.53
CA LYS A 117 -7.01 -2.82 -17.32
C LYS A 117 -6.11 -2.62 -16.12
N GLY A 118 -5.32 -1.55 -16.16
CA GLY A 118 -4.40 -1.27 -15.06
C GLY A 118 -5.16 -0.89 -13.81
N SER A 119 -4.47 -0.96 -12.68
CA SER A 119 -5.04 -0.50 -11.41
C SER A 119 -3.89 -0.43 -10.45
N PHE A 120 -4.16 0.04 -9.24
CA PHE A 120 -3.11 0.10 -8.23
C PHE A 120 -3.46 -0.88 -7.13
N VAL A 121 -2.46 -1.59 -6.67
CA VAL A 121 -2.69 -2.81 -5.89
C VAL A 121 -1.92 -2.78 -4.58
N ASN A 122 -2.56 -3.27 -3.52
CA ASN A 122 -1.87 -3.50 -2.25
C ASN A 122 -2.10 -4.95 -1.85
N GLY A 123 -1.12 -5.56 -1.20
CA GLY A 123 -1.32 -6.92 -0.73
C GLY A 123 -0.05 -7.56 -0.21
N VAL A 124 -0.21 -8.70 0.44
CA VAL A 124 0.92 -9.46 0.95
C VAL A 124 1.12 -10.69 0.09
N PHE A 125 2.32 -10.82 -0.49
CA PHE A 125 2.57 -11.90 -1.43
C PHE A 125 3.83 -12.67 -1.08
N GLU A 126 3.75 -14.00 -1.11
CA GLU A 126 4.93 -14.81 -0.85
C GLU A 126 5.86 -14.90 -2.06
N VAL A 127 7.15 -14.69 -1.83
CA VAL A 127 8.13 -14.71 -2.91
C VAL A 127 8.63 -16.14 -3.16
N HIS A 128 8.54 -16.56 -4.41
CA HIS A 128 8.98 -17.87 -4.86
C HIS A 128 10.42 -17.79 -5.33
N LYS A 129 10.67 -16.94 -6.32
CA LYS A 129 12.04 -16.73 -6.78
C LYS A 129 12.35 -15.24 -6.92
N LYS A 130 13.62 -14.91 -7.05
CA LYS A 130 14.05 -13.53 -7.20
C LYS A 130 15.09 -13.51 -8.30
N ASN A 131 14.90 -12.64 -9.28
CA ASN A 131 15.89 -12.53 -10.35
C ASN A 131 16.24 -11.06 -10.50
N VAL A 132 17.47 -10.72 -10.19
CA VAL A 132 17.90 -9.34 -10.31
C VAL A 132 18.44 -9.18 -11.73
N ARG A 133 17.79 -8.33 -12.52
CA ARG A 133 18.28 -8.12 -13.87
C ARG A 133 18.59 -6.65 -14.02
N GLY A 134 19.85 -6.30 -13.93
CA GLY A 134 20.26 -4.91 -13.96
C GLY A 134 19.53 -4.07 -12.94
N GLU A 135 18.94 -2.98 -13.41
CA GLU A 135 18.32 -1.98 -12.55
C GLU A 135 16.91 -2.38 -12.14
N PHE A 136 16.45 -3.51 -12.65
CA PHE A 136 15.14 -4.03 -12.27
C PHE A 136 15.31 -5.34 -11.53
N THR A 137 14.52 -5.52 -10.48
CA THR A 137 14.50 -6.81 -9.79
C THR A 137 13.11 -7.42 -9.95
N TYR A 138 13.11 -8.69 -10.39
CA TYR A 138 11.88 -9.42 -10.63
C TYR A 138 11.67 -10.43 -9.52
N TYR A 139 10.52 -10.34 -8.85
CA TYR A 139 10.13 -11.33 -7.88
C TYR A 139 9.01 -12.14 -8.47
N GLU A 140 9.17 -13.46 -8.47
CA GLU A 140 8.03 -14.30 -8.80
C GLU A 140 7.29 -14.56 -7.51
N ILE A 141 6.02 -14.16 -7.48
CA ILE A 141 5.19 -14.37 -6.31
C ILE A 141 4.20 -15.43 -6.66
N GLN A 142 3.74 -16.13 -5.63
CA GLN A 142 2.81 -17.22 -5.84
CA GLN A 142 2.87 -17.28 -5.79
C GLN A 142 1.79 -17.30 -4.71
N ASP A 143 0.58 -17.70 -5.07
CA ASP A 143 -0.46 -18.00 -4.11
C ASP A 143 -1.13 -19.29 -4.58
N ASN A 144 -2.21 -19.69 -3.94
CA ASN A 144 -2.90 -20.91 -4.35
C ASN A 144 -3.51 -20.85 -5.75
N THR A 145 -3.65 -19.64 -6.30
CA THR A 145 -4.21 -19.49 -7.64
C THR A 145 -3.21 -19.41 -8.80
N GLY A 146 -1.93 -19.26 -8.49
CA GLY A 146 -0.93 -19.20 -9.54
C GLY A 146 0.26 -18.35 -9.17
N LYS A 147 1.01 -17.92 -10.18
CA LYS A 147 2.19 -17.11 -9.96
C LYS A 147 2.28 -15.96 -10.97
N MET A 148 2.97 -14.90 -10.59
CA MET A 148 3.13 -13.76 -11.48
C MET A 148 4.36 -13.02 -10.99
N GLU A 149 4.71 -11.93 -11.65
CA GLU A 149 5.91 -11.21 -11.25
C GLU A 149 5.65 -9.83 -10.67
N VAL A 150 6.48 -9.46 -9.71
CA VAL A 150 6.49 -8.12 -9.17
C VAL A 150 7.83 -7.54 -9.62
N VAL A 151 7.80 -6.36 -10.24
CA VAL A 151 9.03 -5.78 -10.78
C VAL A 151 9.30 -4.48 -10.06
N VAL A 152 10.49 -4.34 -9.47
CA VAL A 152 10.83 -3.12 -8.78
C VAL A 152 12.05 -2.47 -9.40
N HIS A 153 12.15 -1.15 -9.29
CA HIS A 153 13.31 -0.42 -9.77
C HIS A 153 13.61 0.68 -8.76
N GLY A 154 14.64 1.46 -9.00
CA GLY A 154 14.94 2.58 -8.12
C GLY A 154 15.22 2.16 -6.69
N ARG A 155 14.78 2.97 -5.73
CA ARG A 155 15.06 2.73 -4.32
C ARG A 155 14.66 1.32 -3.86
N LEU A 156 13.64 0.75 -4.47
CA LEU A 156 13.17 -0.56 -4.00
C LEU A 156 14.07 -1.75 -4.37
N THR A 157 15.05 -1.52 -5.23
CA THR A 157 16.00 -2.58 -5.57
C THR A 157 16.98 -2.91 -4.43
N THR A 158 17.02 -2.06 -3.42
CA THR A 158 17.88 -2.29 -2.27
C THR A 158 17.20 -3.07 -1.16
N ILE A 159 15.91 -3.38 -1.30
CA ILE A 159 15.24 -4.11 -0.23
C ILE A 159 15.82 -5.49 -0.15
N ASN A 160 15.71 -6.10 1.03
CA ASN A 160 16.28 -7.41 1.22
C ASN A 160 15.16 -8.42 1.31
N CYS A 161 14.96 -9.16 0.23
CA CYS A 161 13.85 -10.09 0.16
C CYS A 161 14.34 -11.31 -0.57
N GLU A 162 14.16 -12.46 0.07
CA GLU A 162 14.69 -13.72 -0.41
C GLU A 162 13.52 -14.68 -0.57
N GLU A 163 13.74 -15.78 -1.28
CA GLU A 163 12.72 -16.79 -1.45
C GLU A 163 12.16 -17.17 -0.08
N GLY A 164 10.83 -17.26 0.00
CA GLY A 164 10.16 -17.60 1.24
C GLY A 164 9.69 -16.40 2.05
N ASP A 165 10.32 -15.25 1.84
CA ASP A 165 9.85 -14.00 2.43
C ASP A 165 8.56 -13.56 1.76
N LYS A 166 7.83 -12.67 2.41
CA LYS A 166 6.65 -12.08 1.79
C LYS A 166 6.88 -10.60 1.55
N LEU A 167 6.38 -10.14 0.43
CA LEU A 167 6.38 -8.73 0.11
C LEU A 167 5.03 -8.16 0.53
N LYS A 168 5.03 -7.20 1.44
CA LYS A 168 3.80 -6.49 1.72
C LYS A 168 3.88 -5.22 0.89
N LEU A 169 3.05 -5.18 -0.15
CA LEU A 169 3.14 -4.18 -1.19
C LEU A 169 2.07 -3.13 -0.97
N THR A 170 2.45 -1.86 -1.10
CA THR A 170 1.47 -0.80 -1.10
C THR A 170 1.64 0.02 -2.37
N CYS A 171 0.53 0.21 -3.09
CA CYS A 171 0.49 1.04 -4.30
C CYS A 171 1.47 0.53 -5.36
N PHE A 172 1.21 -0.67 -5.84
CA PHE A 172 1.90 -1.21 -6.99
C PHE A 172 0.96 -1.16 -8.17
N GLU A 173 1.49 -0.89 -9.36
CA GLU A 173 0.63 -0.81 -10.51
C GLU A 173 0.51 -2.16 -11.18
N LEU A 174 -0.71 -2.61 -11.41
CA LEU A 174 -0.89 -3.80 -12.23
C LEU A 174 -0.77 -3.33 -13.67
N ALA A 175 0.20 -3.87 -14.39
CA ALA A 175 0.33 -3.59 -15.82
C ALA A 175 -0.13 -4.80 -16.63
N PRO A 176 -1.29 -4.67 -17.29
CA PRO A 176 -1.81 -5.83 -18.02
C PRO A 176 -0.84 -6.28 -19.11
N LYS A 177 -0.71 -7.59 -19.26
CA LYS A 177 0.02 -8.17 -20.37
C LYS A 177 -0.78 -9.37 -20.88
N SER A 178 -0.80 -9.54 -22.20
CA SER A 178 -1.59 -10.61 -22.79
C SER A 178 -1.09 -11.97 -22.31
N GLY A 179 -1.99 -12.94 -22.25
CA GLY A 179 -1.66 -14.29 -21.86
C GLY A 179 -1.70 -14.54 -20.36
N ASN A 180 -2.41 -13.69 -19.63
CA ASN A 180 -2.39 -13.73 -18.17
C ASN A 180 -1.00 -13.41 -17.66
N THR A 181 -0.31 -12.55 -18.40
CA THR A 181 1.07 -12.18 -18.13
C THR A 181 1.20 -10.88 -17.33
N GLY A 182 0.07 -10.32 -16.87
CA GLY A 182 0.09 -9.06 -16.15
C GLY A 182 1.09 -9.11 -15.02
N GLU A 183 1.68 -7.97 -14.70
CA GLU A 183 2.69 -7.93 -13.66
C GLU A 183 2.51 -6.68 -12.80
N LEU A 184 2.96 -6.79 -11.55
CA LEU A 184 2.90 -5.67 -10.63
C LEU A 184 4.21 -4.91 -10.73
N ARG A 185 4.12 -3.61 -10.90
CA ARG A 185 5.29 -2.77 -11.12
C ARG A 185 5.34 -1.70 -10.07
N SER A 186 6.51 -1.48 -9.50
CA SER A 186 6.65 -0.37 -8.56
C SER A 186 6.50 0.96 -9.31
N VAL A 187 5.92 1.93 -8.65
CA VAL A 187 5.71 3.25 -9.19
C VAL A 187 6.21 4.27 -8.16
N ILE A 188 6.09 5.56 -8.47
CA ILE A 188 6.68 6.62 -7.64
C ILE A 188 6.30 6.50 -6.16
N HIS A 189 5.05 6.12 -5.89
CA HIS A 189 4.54 6.01 -4.51
C HIS A 189 4.60 4.62 -3.88
N SER A 190 5.22 3.66 -4.56
CA SER A 190 5.22 2.30 -4.04
C SER A 190 5.95 2.18 -2.72
N HIS A 191 5.46 1.28 -1.89
CA HIS A 191 6.08 1.04 -0.60
C HIS A 191 6.12 -0.46 -0.39
N ILE A 192 7.23 -0.95 0.15
CA ILE A 192 7.35 -2.36 0.43
C ILE A 192 7.68 -2.55 1.90
N LYS A 193 6.99 -3.47 2.56
CA LYS A 193 7.48 -3.97 3.84
C LYS A 193 7.80 -5.45 3.62
N VAL A 194 9.01 -5.86 3.95
CA VAL A 194 9.38 -7.27 3.76
C VAL A 194 9.10 -8.02 5.06
N ILE A 195 8.34 -9.11 4.96
CA ILE A 195 8.12 -9.96 6.11
C ILE A 195 9.03 -11.16 5.94
N LYS A 196 10.08 -11.21 6.76
CA LYS A 196 11.09 -12.26 6.64
C LYS A 196 10.68 -13.51 7.40
N THR A 197 10.95 -14.67 6.82
CA THR A 197 10.70 -15.92 7.52
C THR A 197 11.72 -16.06 8.64
N ARG A 198 11.33 -16.82 9.66
CA ARG A 198 12.21 -17.09 10.79
C ARG A 198 13.56 -17.61 10.30
N LYS A 199 13.54 -18.36 9.20
CA LYS A 199 14.74 -18.93 8.60
C LYS A 199 15.71 -17.86 8.09
N ASN A 200 15.17 -16.85 7.42
CA ASN A 200 15.99 -15.79 6.82
C ASN A 200 16.30 -14.62 7.74
N ALA A 201 15.58 -14.52 8.84
CA ALA A 201 15.64 -13.31 9.66
C ALA A 201 16.94 -13.20 10.47
N ALA A 202 17.25 -11.97 10.88
CA ALA A 202 18.28 -11.73 11.90
C ALA A 202 17.84 -12.46 13.15
N ALA A 203 18.80 -12.93 13.93
CA ALA A 203 18.49 -13.67 15.15
C ALA A 203 19.49 -13.35 16.26
N SER A 204 19.01 -13.39 17.50
CA SER A 204 19.87 -13.19 18.65
C SER A 204 19.39 -14.05 19.81
C1 EDO B . -6.41 23.18 7.66
O1 EDO B . -7.42 23.85 6.88
C2 EDO B . -5.19 22.90 6.79
O2 EDO B . -4.49 24.12 6.51
C1 EDO C . 9.10 -3.08 -16.25
O1 EDO C . 10.07 -2.91 -17.27
C2 EDO C . 8.76 -1.72 -15.64
O2 EDO C . 8.36 -1.86 -14.28
C1 EDO D . -12.11 7.77 -4.00
O1 EDO D . -11.45 6.72 -3.30
C2 EDO D . -11.41 8.01 -5.33
O2 EDO D . -10.16 8.68 -5.13
C1 EDO E . 13.83 12.42 8.78
O1 EDO E . 14.12 11.50 7.72
C2 EDO E . 15.10 13.13 9.23
O2 EDO E . 14.90 13.70 10.52
C1 EDO F . -10.20 -7.03 -15.30
O1 EDO F . -9.60 -5.74 -15.36
C2 EDO F . -10.39 -7.54 -16.73
O2 EDO F . -11.24 -8.70 -16.74
C1 EDO G . -6.56 -2.64 9.63
O1 EDO G . -5.13 -2.63 9.60
C2 EDO G . -7.10 -3.02 8.25
O2 EDO G . -7.18 -4.45 8.14
C1 EDO H . -3.46 -11.64 3.28
O1 EDO H . -3.64 -10.23 3.10
C2 EDO H . -4.82 -12.31 3.45
O2 EDO H . -5.66 -12.03 2.33
C1 EDO I . 1.14 -0.40 7.76
O1 EDO I . 1.37 -0.90 9.08
C2 EDO I . -0.08 -1.07 7.17
O2 EDO I . -0.02 -0.98 5.74
C1 EDO J . 1.36 -20.57 -2.20
O1 EDO J . 0.00 -20.90 -1.92
C2 EDO J . 1.92 -19.69 -1.08
O2 EDO J . 3.30 -19.39 -1.34
C FMT K . 10.27 3.73 -7.41
O1 FMT K . 9.37 3.04 -6.92
O2 FMT K . 10.11 4.88 -7.82
#